data_2V42
#
_entry.id   2V42
#
_cell.length_a   164.290
_cell.length_b   164.290
_cell.length_c   81.520
_cell.angle_alpha   90.00
_cell.angle_beta   90.00
_cell.angle_gamma   90.00
#
_symmetry.space_group_name_H-M   'P 4 21 2'
#
loop_
_entity.id
_entity.type
_entity.pdbx_description
1 polymer 'SIGMA-E FACTOR REGULATORY PROTEIN RSEB'
2 non-polymer 'ETHYL DIMETHYL AMMONIO PROPANE SULFONATE'
3 water water
#
_entity_poly.entity_id   1
_entity_poly.type   'polypeptide(L)'
_entity_poly.pdbx_seq_one_letter_code
;MATPASGALLQQMNLASQSLNYELSFISINKQGVESLRYRHARLDNRPLAQLLQMDGPRREVVQRGNEISYFEPGLEPFT
LNGDYIVDSLPSLIYTDFKRLSPYYDFISVGRTRIADRLCEVIRVVARDGTRYSYIVWMDTESKLPMRVDLLDRDGETLE
QFRVIAFNVNQDISSSMQTLAKANLPPLLSVPVGEKAKFSWTPTWLPQGFSEVSSSRRPLPTMDNMPIESRLYSDGLFSF
SVNVNRATPSSTDQMLRTGRRTVSTSVRDNAEITIVGELPPQTAKRIAENIKFGAAQHHHHHH
;
_entity_poly.pdbx_strand_id   A,B
#
loop_
_chem_comp.id
_chem_comp.type
_chem_comp.name
_chem_comp.formula
NDS non-polymer 'ETHYL DIMETHYL AMMONIO PROPANE SULFONATE' 'C7 H17 N O3 S'
#
# COMPACT_ATOMS: atom_id res chain seq x y z
N ALA A 2 17.41 29.38 -6.77
CA ALA A 2 18.56 28.65 -6.16
C ALA A 2 18.26 27.15 -5.89
N THR A 3 17.74 26.47 -6.92
CA THR A 3 17.52 25.00 -6.89
C THR A 3 18.05 24.31 -8.17
N PRO A 4 18.62 23.08 -8.06
CA PRO A 4 19.22 22.41 -9.22
C PRO A 4 18.23 21.92 -10.26
N ALA A 5 18.69 21.89 -11.51
CA ALA A 5 17.95 21.24 -12.59
C ALA A 5 17.53 19.84 -12.18
N SER A 6 16.51 19.31 -12.83
CA SER A 6 15.98 18.01 -12.46
C SER A 6 16.98 16.85 -12.59
N GLY A 7 17.85 16.91 -13.58
CA GLY A 7 18.83 15.86 -13.80
C GLY A 7 19.87 15.74 -12.71
N ALA A 8 20.26 16.85 -12.12
CA ALA A 8 21.17 16.84 -10.99
C ALA A 8 20.52 16.16 -9.78
N LEU A 9 19.28 16.55 -9.49
CA LEU A 9 18.50 15.88 -8.47
C LEU A 9 18.45 14.39 -8.68
N LEU A 10 18.13 13.96 -9.89
CA LEU A 10 17.98 12.52 -10.15
C LEU A 10 19.28 11.75 -9.86
N GLN A 11 20.40 12.35 -10.25
CA GLN A 11 21.70 11.80 -10.03
C GLN A 11 21.96 11.65 -8.55
N GLN A 12 21.56 12.66 -7.78
CA GLN A 12 21.66 12.63 -6.32
C GLN A 12 20.93 11.43 -5.73
N MET A 13 19.69 11.21 -6.15
CA MET A 13 18.92 10.07 -5.71
C MET A 13 19.62 8.73 -5.97
N ASN A 14 20.13 8.58 -7.20
CA ASN A 14 20.88 7.42 -7.55
C ASN A 14 22.05 7.23 -6.58
N LEU A 15 22.77 8.31 -6.32
CA LEU A 15 23.93 8.23 -5.46
C LEU A 15 23.55 7.82 -4.05
N ALA A 16 22.46 8.39 -3.58
CA ALA A 16 21.99 8.13 -2.24
C ALA A 16 21.68 6.64 -2.10
N SER A 17 21.07 6.08 -3.16
CA SER A 17 20.64 4.70 -3.13
C SER A 17 21.76 3.70 -3.06
N GLN A 18 22.92 4.09 -3.59
CA GLN A 18 24.05 3.19 -3.77
C GLN A 18 25.08 3.30 -2.66
N SER A 19 25.03 4.38 -1.89
CA SER A 19 26.09 4.67 -0.95
C SER A 19 25.65 4.87 0.50
N LEU A 20 24.35 4.91 0.75
CA LEU A 20 23.87 5.13 2.10
C LEU A 20 23.48 3.82 2.76
N ASN A 21 23.44 3.78 4.09
CA ASN A 21 22.79 2.67 4.74
C ASN A 21 21.37 3.11 5.04
N TYR A 22 20.39 2.29 4.68
CA TYR A 22 18.99 2.66 4.87
C TYR A 22 18.06 1.49 4.88
N GLU A 23 16.85 1.73 5.35
CA GLU A 23 15.82 0.71 5.28
C GLU A 23 14.52 1.34 4.81
N LEU A 24 13.97 0.81 3.71
CA LEU A 24 12.68 1.25 3.19
C LEU A 24 11.63 0.20 3.48
N SER A 25 10.53 0.65 4.10
CA SER A 25 9.36 -0.20 4.22
C SER A 25 8.30 0.31 3.22
N PHE A 26 8.05 -0.48 2.17
CA PHE A 26 7.24 0.03 1.08
C PHE A 26 6.23 -0.94 0.56
N ILE A 27 5.31 -0.41 -0.23
CA ILE A 27 4.33 -1.24 -0.88
C ILE A 27 4.50 -1.10 -2.38
N SER A 28 4.29 -2.19 -3.11
CA SER A 28 4.22 -2.08 -4.55
C SER A 28 2.83 -2.44 -4.97
N ILE A 29 2.22 -1.52 -5.70
CA ILE A 29 0.83 -1.62 -6.10
C ILE A 29 0.76 -1.85 -7.60
N ASN A 30 -0.03 -2.86 -7.98
CA ASN A 30 -0.34 -3.16 -9.37
C ASN A 30 -1.56 -4.08 -9.44
N LYS A 31 -1.90 -4.54 -10.64
CA LYS A 31 -3.12 -5.32 -10.85
C LYS A 31 -3.26 -6.54 -9.90
N GLN A 32 -2.14 -7.15 -9.53
CA GLN A 32 -2.09 -8.20 -8.47
C GLN A 32 -2.62 -7.72 -7.11
N GLY A 33 -2.30 -6.48 -6.73
CA GLY A 33 -2.76 -5.89 -5.48
C GLY A 33 -1.71 -5.05 -4.79
N VAL A 34 -1.80 -4.94 -3.47
CA VAL A 34 -0.83 -4.18 -2.70
C VAL A 34 0.06 -5.14 -1.94
N GLU A 35 1.32 -5.23 -2.37
CA GLU A 35 2.32 -6.12 -1.77
C GLU A 35 3.26 -5.36 -0.85
N SER A 36 3.53 -5.94 0.31
CA SER A 36 4.30 -5.28 1.37
C SER A 36 5.75 -5.78 1.46
N LEU A 37 6.71 -4.91 1.14
CA LEU A 37 8.10 -5.29 1.07
C LEU A 37 9.00 -4.50 2.02
N ARG A 38 10.16 -5.03 2.35
CA ARG A 38 11.15 -4.34 3.14
C ARG A 38 12.49 -4.42 2.42
N TYR A 39 13.14 -3.28 2.25
CA TYR A 39 14.43 -3.26 1.60
C TYR A 39 15.46 -2.60 2.47
N ARG A 40 16.54 -3.34 2.71
CA ARG A 40 17.65 -2.85 3.50
C ARG A 40 18.87 -2.78 2.60
N HIS A 41 19.58 -1.66 2.68
CA HIS A 41 20.80 -1.50 1.94
C HIS A 41 21.87 -0.94 2.85
N ALA A 42 23.09 -1.43 2.67
CA ALA A 42 24.24 -0.95 3.44
C ALA A 42 25.50 -1.15 2.66
N ARG A 43 26.55 -0.49 3.10
CA ARG A 43 27.87 -0.79 2.55
C ARG A 43 28.79 -1.22 3.66
N LEU A 44 29.38 -2.39 3.46
CA LEU A 44 30.26 -2.99 4.44
C LEU A 44 31.47 -3.59 3.73
N ASP A 45 32.68 -3.23 4.18
CA ASP A 45 33.92 -3.64 3.51
C ASP A 45 33.96 -3.12 2.06
N ASN A 46 33.66 -1.84 1.84
CA ASN A 46 33.60 -1.28 0.48
C ASN A 46 32.95 -2.29 -0.48
N ARG A 47 31.72 -2.68 -0.16
CA ARG A 47 31.00 -3.73 -0.87
C ARG A 47 29.49 -3.52 -0.59
N PRO A 48 28.63 -3.71 -1.61
CA PRO A 48 27.19 -3.59 -1.38
C PRO A 48 26.61 -4.76 -0.61
N LEU A 49 25.67 -4.44 0.26
CA LEU A 49 25.00 -5.43 1.06
C LEU A 49 23.52 -5.05 1.07
N ALA A 50 22.66 -6.00 0.74
CA ALA A 50 21.25 -5.68 0.57
C ALA A 50 20.33 -6.83 0.93
N GLN A 51 19.11 -6.50 1.36
CA GLN A 51 18.12 -7.54 1.59
C GLN A 51 16.74 -7.07 1.12
N LEU A 52 16.08 -7.89 0.32
CA LEU A 52 14.68 -7.67 -0.03
C LEU A 52 13.84 -8.74 0.64
N LEU A 53 12.91 -8.33 1.49
CA LEU A 53 12.06 -9.30 2.15
C LEU A 53 10.60 -9.08 1.84
N GLN A 54 9.91 -10.15 1.42
CA GLN A 54 8.46 -10.12 1.31
C GLN A 54 7.90 -10.22 2.72
N MET A 55 7.02 -9.29 3.10
CA MET A 55 6.63 -9.22 4.52
C MET A 55 5.46 -10.08 4.91
N ASP A 56 4.57 -10.39 3.97
CA ASP A 56 3.40 -11.20 4.28
C ASP A 56 3.44 -12.52 3.55
N GLY A 57 2.89 -13.55 4.18
CA GLY A 57 2.78 -14.85 3.56
C GLY A 57 4.06 -15.63 3.75
N PRO A 58 4.36 -16.55 2.82
CA PRO A 58 5.64 -17.26 2.79
C PRO A 58 6.84 -16.31 2.76
N ARG A 59 7.92 -16.71 3.40
CA ARG A 59 9.06 -15.84 3.60
C ARG A 59 9.99 -15.82 2.40
N ARG A 60 9.57 -15.15 1.32
CA ARG A 60 10.46 -14.96 0.19
C ARG A 60 11.50 -13.91 0.55
N GLU A 61 12.77 -14.26 0.37
CA GLU A 61 13.88 -13.35 0.66
C GLU A 61 14.86 -13.33 -0.50
N VAL A 62 15.43 -12.16 -0.77
CA VAL A 62 16.53 -12.05 -1.69
C VAL A 62 17.64 -11.19 -1.07
N VAL A 63 18.88 -11.66 -1.16
CA VAL A 63 19.99 -10.94 -0.56
C VAL A 63 21.11 -10.67 -1.55
N GLN A 64 21.80 -9.54 -1.38
CA GLN A 64 22.92 -9.18 -2.21
C GLN A 64 24.14 -9.02 -1.34
N ARG A 65 25.24 -9.60 -1.81
CA ARG A 65 26.53 -9.44 -1.16
C ARG A 65 27.56 -9.25 -2.26
N GLY A 66 28.02 -8.02 -2.43
CA GLY A 66 28.85 -7.69 -3.58
C GLY A 66 28.08 -7.98 -4.85
N ASN A 67 28.60 -8.88 -5.67
CA ASN A 67 27.98 -9.21 -6.95
C ASN A 67 27.30 -10.57 -6.91
N GLU A 68 27.02 -11.06 -5.72
CA GLU A 68 26.25 -12.30 -5.58
C GLU A 68 24.82 -12.04 -5.04
N ILE A 69 23.82 -12.57 -5.75
CA ILE A 69 22.42 -12.46 -5.34
C ILE A 69 21.86 -13.83 -4.97
N SER A 70 21.40 -13.99 -3.73
CA SER A 70 20.85 -15.27 -3.28
C SER A 70 19.35 -15.23 -3.07
N TYR A 71 18.71 -16.33 -3.45
CA TYR A 71 17.25 -16.42 -3.47
C TYR A 71 16.73 -17.44 -2.49
N PHE A 72 15.96 -16.96 -1.52
CA PHE A 72 15.42 -17.79 -0.46
C PHE A 72 13.89 -17.92 -0.58
N GLU A 73 13.39 -19.15 -0.40
CA GLU A 73 12.04 -19.52 -0.81
C GLU A 73 11.36 -20.51 0.16
N PRO A 74 10.00 -20.57 0.11
CA PRO A 74 9.20 -21.57 0.85
C PRO A 74 9.62 -22.99 0.54
N GLY A 75 10.13 -23.70 1.55
CA GLY A 75 10.50 -25.12 1.47
C GLY A 75 11.32 -25.54 0.25
N LEU A 76 12.15 -24.60 -0.23
CA LEU A 76 12.89 -24.77 -1.47
C LEU A 76 14.37 -24.64 -1.15
N GLU A 77 15.21 -25.40 -1.85
CA GLU A 77 16.66 -25.17 -1.78
C GLU A 77 17.01 -23.82 -2.42
N PRO A 78 17.73 -22.97 -1.67
CA PRO A 78 18.07 -21.64 -2.14
C PRO A 78 19.25 -21.69 -3.10
N PHE A 79 19.40 -20.66 -3.92
CA PHE A 79 20.45 -20.62 -4.93
C PHE A 79 21.03 -19.22 -5.10
N THR A 80 22.22 -19.13 -5.68
CA THR A 80 22.86 -17.85 -5.90
C THR A 80 23.15 -17.59 -7.38
N LEU A 81 23.06 -16.32 -7.76
CA LEU A 81 23.41 -15.88 -9.11
C LEU A 81 24.32 -14.67 -9.05
N ASN A 82 24.88 -14.31 -10.20
CA ASN A 82 25.59 -13.06 -10.34
C ASN A 82 24.61 -11.98 -10.77
N GLY A 83 24.65 -10.85 -10.08
CA GLY A 83 23.81 -9.72 -10.44
C GLY A 83 24.33 -8.48 -9.73
N ASP A 84 24.12 -7.32 -10.33
CA ASP A 84 24.59 -6.04 -9.75
C ASP A 84 23.61 -5.47 -8.72
N TYR A 85 22.35 -5.87 -8.83
CA TYR A 85 21.31 -5.43 -7.90
C TYR A 85 20.16 -6.41 -7.91
N ILE A 86 19.38 -6.38 -6.82
CA ILE A 86 18.16 -7.17 -6.64
C ILE A 86 17.07 -6.59 -7.53
N VAL A 87 16.38 -7.47 -8.25
CA VAL A 87 15.36 -7.10 -9.22
C VAL A 87 13.94 -7.24 -8.65
N ASP A 88 13.03 -6.37 -9.11
CA ASP A 88 11.64 -6.38 -8.65
C ASP A 88 11.57 -5.87 -7.22
N SER A 89 12.70 -5.32 -6.76
CA SER A 89 12.74 -4.61 -5.49
C SER A 89 12.34 -3.18 -5.79
N LEU A 90 13.30 -2.29 -5.56
CA LEU A 90 13.31 -0.97 -6.14
C LEU A 90 12.79 -0.95 -7.57
N PRO A 91 12.15 0.16 -7.97
CA PRO A 91 11.95 0.38 -9.39
C PRO A 91 13.32 0.53 -10.02
N SER A 92 13.47 0.03 -11.24
CA SER A 92 14.77 0.00 -11.88
C SER A 92 15.32 1.42 -12.00
N LEU A 93 14.40 2.37 -12.17
CA LEU A 93 14.66 3.81 -12.12
C LEU A 93 15.75 4.26 -11.15
N ILE A 94 15.93 3.53 -10.06
CA ILE A 94 16.78 3.97 -8.97
C ILE A 94 18.26 3.77 -9.27
N TYR A 95 18.57 2.69 -9.98
CA TYR A 95 19.94 2.40 -10.32
C TYR A 95 20.42 3.12 -11.58
N THR A 96 19.57 3.96 -12.14
CA THR A 96 19.83 4.60 -13.41
C THR A 96 20.96 5.59 -13.35
N ASP A 97 21.77 5.61 -14.40
CA ASP A 97 22.73 6.68 -14.64
C ASP A 97 22.08 7.81 -15.44
N PHE A 98 21.65 8.86 -14.74
CA PHE A 98 20.93 9.96 -15.38
C PHE A 98 21.79 10.88 -16.24
N LYS A 99 23.10 10.87 -16.01
CA LYS A 99 24.02 11.59 -16.85
C LYS A 99 23.89 10.95 -18.25
N ARG A 100 23.96 9.64 -18.28
CA ARG A 100 23.86 8.87 -19.51
C ARG A 100 22.53 9.07 -20.24
N LEU A 101 21.44 9.10 -19.48
CA LEU A 101 20.10 9.21 -20.05
C LEU A 101 19.77 10.55 -20.67
N SER A 102 20.38 11.61 -20.16
CA SER A 102 19.90 12.95 -20.48
C SER A 102 19.88 13.38 -21.97
N PRO A 103 20.83 12.88 -22.81
CA PRO A 103 20.69 13.30 -24.22
C PRO A 103 19.34 12.95 -24.87
N TYR A 104 18.67 11.88 -24.39
CA TYR A 104 17.42 11.40 -24.99
C TYR A 104 16.22 11.33 -24.05
N TYR A 105 16.41 11.73 -22.80
CA TYR A 105 15.28 11.89 -21.88
C TYR A 105 15.09 13.34 -21.49
N ASP A 106 13.86 13.69 -21.15
CA ASP A 106 13.58 14.94 -20.50
C ASP A 106 13.31 14.67 -19.04
N PHE A 107 13.84 15.54 -18.19
CA PHE A 107 13.61 15.43 -16.75
C PHE A 107 12.85 16.67 -16.34
N ILE A 108 11.59 16.51 -15.99
CA ILE A 108 10.69 17.64 -15.84
C ILE A 108 10.25 17.84 -14.38
N SER A 109 10.53 19.02 -13.85
CA SER A 109 10.12 19.34 -12.49
C SER A 109 8.64 19.55 -12.45
N VAL A 110 7.98 18.94 -11.47
CA VAL A 110 6.57 19.23 -11.24
C VAL A 110 6.34 19.74 -9.80
N GLY A 111 7.40 20.22 -9.17
CA GLY A 111 7.24 20.86 -7.88
C GLY A 111 7.49 19.92 -6.71
N ARG A 112 7.02 20.36 -5.56
CA ARG A 112 7.32 19.71 -4.30
C ARG A 112 6.04 19.25 -3.66
N THR A 113 6.14 18.19 -2.86
CA THR A 113 4.96 17.69 -2.15
C THR A 113 5.37 16.75 -1.00
N ARG A 114 4.51 16.57 0.00
CA ARG A 114 4.81 15.63 1.09
C ARG A 114 4.52 14.20 0.72
N ILE A 115 5.53 13.34 0.74
CA ILE A 115 5.29 11.89 0.77
C ILE A 115 6.00 11.36 2.00
N ALA A 116 5.41 10.40 2.68
CA ALA A 116 6.07 9.76 3.82
C ALA A 116 6.64 10.79 4.80
N ASP A 117 5.82 11.77 5.19
CA ASP A 117 6.24 12.85 6.10
C ASP A 117 7.56 13.54 5.67
N ARG A 118 7.80 13.60 4.36
CA ARG A 118 8.97 14.32 3.86
C ARG A 118 8.60 15.24 2.71
N LEU A 119 9.23 16.41 2.66
CA LEU A 119 9.14 17.27 1.49
C LEU A 119 9.90 16.59 0.36
N CYS A 120 9.26 16.39 -0.78
CA CYS A 120 9.90 15.70 -1.91
C CYS A 120 9.91 16.56 -3.15
N GLU A 121 10.97 16.48 -3.96
CA GLU A 121 10.86 16.99 -5.31
C GLU A 121 10.13 15.96 -6.17
N VAL A 122 9.27 16.44 -7.05
CA VAL A 122 8.53 15.57 -7.95
C VAL A 122 9.08 15.80 -9.36
N ILE A 123 9.49 14.71 -10.01
CA ILE A 123 10.13 14.81 -11.32
C ILE A 123 9.63 13.76 -12.32
N ARG A 124 9.25 14.18 -13.52
CA ARG A 124 8.91 13.23 -14.58
C ARG A 124 10.15 12.88 -15.36
N VAL A 125 10.26 11.61 -15.74
CA VAL A 125 11.35 11.14 -16.59
C VAL A 125 10.68 10.62 -17.86
N VAL A 126 10.79 11.37 -18.94
CA VAL A 126 10.14 11.01 -20.22
C VAL A 126 11.16 10.93 -21.33
N ALA A 127 11.02 9.92 -22.19
CA ALA A 127 11.89 9.79 -23.35
C ALA A 127 11.43 10.78 -24.40
N ARG A 128 12.39 11.56 -24.92
CA ARG A 128 12.09 12.66 -25.85
C ARG A 128 11.31 12.28 -27.10
N ASP A 129 11.50 11.06 -27.58
CA ASP A 129 10.88 10.65 -28.84
C ASP A 129 9.49 10.00 -28.70
N GLY A 130 8.85 10.14 -27.53
CA GLY A 130 7.45 9.71 -27.31
C GLY A 130 7.21 8.21 -27.43
N THR A 131 8.28 7.47 -27.24
CA THR A 131 8.39 6.10 -27.66
C THR A 131 8.20 5.06 -26.52
N ARG A 132 8.39 5.49 -25.27
CA ARG A 132 8.43 4.60 -24.11
C ARG A 132 7.40 4.97 -23.05
N TYR A 133 7.29 4.13 -22.03
CA TYR A 133 6.58 4.47 -20.80
C TYR A 133 7.39 5.57 -20.09
N SER A 134 6.80 6.18 -19.07
CA SER A 134 7.53 7.19 -18.30
C SER A 134 7.39 6.92 -16.82
N TYR A 135 8.21 7.62 -16.07
CA TYR A 135 8.19 7.54 -14.62
C TYR A 135 7.87 8.90 -14.08
N ILE A 136 7.32 8.90 -12.89
CA ILE A 136 7.37 10.10 -12.08
C ILE A 136 7.91 9.68 -10.73
N VAL A 137 8.90 10.43 -10.25
CA VAL A 137 9.57 10.17 -8.97
C VAL A 137 9.29 11.26 -7.96
N TRP A 138 9.02 10.84 -6.73
CA TRP A 138 9.04 11.74 -5.59
C TRP A 138 10.28 11.40 -4.79
N MET A 139 11.18 12.38 -4.63
CA MET A 139 12.43 12.09 -3.95
C MET A 139 12.58 12.93 -2.68
N ASP A 140 12.94 12.29 -1.57
CA ASP A 140 13.11 13.00 -0.29
C ASP A 140 14.14 14.09 -0.45
N THR A 141 13.73 15.25 -0.06
CA THR A 141 14.53 16.43 -0.22
C THR A 141 15.78 16.46 0.68
N GLU A 142 15.78 15.70 1.78
CA GLU A 142 16.97 15.59 2.66
C GLU A 142 17.85 14.41 2.29
N SER A 143 17.31 13.20 2.27
CA SER A 143 18.13 12.02 2.08
C SER A 143 18.45 11.79 0.61
N LYS A 144 17.58 12.35 -0.24
CA LYS A 144 17.60 12.10 -1.67
C LYS A 144 17.07 10.72 -2.05
N LEU A 145 16.57 9.95 -1.09
CA LEU A 145 16.06 8.64 -1.43
C LEU A 145 14.67 8.72 -2.07
N PRO A 146 14.36 7.77 -2.96
CA PRO A 146 13.02 7.73 -3.57
C PRO A 146 11.93 7.43 -2.54
N MET A 147 10.92 8.28 -2.49
CA MET A 147 9.79 8.11 -1.58
C MET A 147 8.56 7.50 -2.28
N ARG A 148 8.44 7.74 -3.59
CA ARG A 148 7.39 7.12 -4.39
C ARG A 148 7.81 7.11 -5.83
N VAL A 149 7.39 6.10 -6.58
CA VAL A 149 7.70 5.99 -7.99
C VAL A 149 6.56 5.37 -8.76
N ASP A 150 6.01 6.11 -9.73
CA ASP A 150 4.95 5.57 -10.59
C ASP A 150 5.50 5.32 -11.99
N LEU A 151 5.16 4.16 -12.55
CA LEU A 151 5.44 3.89 -13.95
C LEU A 151 4.15 4.08 -14.72
N LEU A 152 4.22 4.86 -15.80
CA LEU A 152 3.03 5.30 -16.49
C LEU A 152 2.95 4.91 -17.97
N ASP A 153 1.76 4.52 -18.41
CA ASP A 153 1.38 4.47 -19.83
C ASP A 153 1.79 5.71 -20.55
N ARG A 154 1.78 5.61 -21.88
CA ARG A 154 1.87 6.77 -22.74
C ARG A 154 0.57 7.60 -22.67
N ASP A 155 -0.50 6.97 -22.19
CA ASP A 155 -1.76 7.65 -21.92
C ASP A 155 -1.93 8.11 -20.47
N GLY A 156 -0.85 8.05 -19.68
CA GLY A 156 -0.91 8.45 -18.28
C GLY A 156 -1.50 7.47 -17.28
N GLU A 157 -1.95 6.31 -17.73
CA GLU A 157 -2.44 5.26 -16.83
C GLU A 157 -1.30 4.65 -16.07
N THR A 158 -1.45 4.45 -14.76
CA THR A 158 -0.33 3.90 -14.00
C THR A 158 -0.26 2.37 -14.05
N LEU A 159 0.91 1.88 -14.48
CA LEU A 159 1.16 0.44 -14.60
C LEU A 159 1.67 -0.19 -13.31
N GLU A 160 2.43 0.59 -12.54
CA GLU A 160 3.05 0.11 -11.31
C GLU A 160 3.39 1.27 -10.41
N GLN A 161 3.28 1.02 -9.11
CA GLN A 161 3.46 2.08 -8.12
C GLN A 161 4.31 1.56 -6.96
N PHE A 162 5.31 2.35 -6.61
CA PHE A 162 6.18 2.02 -5.53
C PHE A 162 6.02 3.11 -4.50
N ARG A 163 5.57 2.77 -3.31
CA ARG A 163 5.40 3.80 -2.27
C ARG A 163 6.03 3.43 -0.94
N VAL A 164 6.93 4.26 -0.45
CA VAL A 164 7.49 4.01 0.87
C VAL A 164 6.54 4.47 1.96
N ILE A 165 6.42 3.65 2.99
CA ILE A 165 5.46 3.89 4.05
C ILE A 165 6.20 4.34 5.28
N ALA A 166 7.34 3.72 5.52
CA ALA A 166 8.22 4.13 6.58
C ALA A 166 9.64 3.84 6.16
N PHE A 167 10.55 4.70 6.59
CA PHE A 167 11.95 4.46 6.33
C PHE A 167 12.83 5.11 7.38
N ASN A 168 14.06 4.62 7.45
CA ASN A 168 15.07 5.29 8.23
C ASN A 168 16.35 5.26 7.41
N VAL A 169 17.21 6.25 7.64
CA VAL A 169 18.46 6.40 6.88
C VAL A 169 19.59 6.74 7.81
N ASN A 170 20.78 6.28 7.46
CA ASN A 170 22.04 6.58 8.18
C ASN A 170 22.15 5.93 9.54
N GLN A 171 21.16 5.11 9.85
CA GLN A 171 21.07 4.42 11.11
C GLN A 171 22.03 3.22 11.02
N ASP A 172 22.52 2.76 12.16
CA ASP A 172 23.47 1.64 12.20
C ASP A 172 22.98 0.41 11.44
N ILE A 173 23.89 -0.22 10.69
CA ILE A 173 23.65 -1.48 9.97
C ILE A 173 23.13 -2.51 10.95
N SER A 174 21.98 -3.09 10.65
CA SER A 174 21.33 -4.00 11.59
C SER A 174 22.19 -5.24 11.90
N SER A 175 21.99 -5.82 13.08
CA SER A 175 22.71 -7.04 13.45
C SER A 175 22.28 -8.22 12.58
N SER A 176 21.10 -8.10 11.97
CA SER A 176 20.61 -9.04 10.96
C SER A 176 21.45 -8.92 9.70
N MET A 177 21.70 -7.68 9.29
CA MET A 177 22.50 -7.38 8.11
C MET A 177 23.97 -7.67 8.35
N GLN A 178 24.41 -7.50 9.60
CA GLN A 178 25.79 -7.73 10.00
C GLN A 178 26.09 -9.23 9.96
N THR A 179 25.09 -10.03 10.33
CA THR A 179 25.14 -11.47 10.23
C THR A 179 25.29 -11.90 8.79
N LEU A 180 24.52 -11.28 7.90
CA LEU A 180 24.50 -11.61 6.47
C LEU A 180 25.87 -11.43 5.84
N ALA A 181 26.53 -10.33 6.15
CA ALA A 181 27.85 -10.05 5.60
C ALA A 181 28.76 -11.28 5.68
N LYS A 182 28.73 -11.98 6.83
CA LYS A 182 29.61 -13.11 7.10
C LYS A 182 28.95 -14.49 6.86
N ALA A 183 27.65 -14.50 6.58
CA ALA A 183 26.86 -15.73 6.41
C ALA A 183 27.32 -16.63 5.25
N ASN A 184 26.93 -17.90 5.33
CA ASN A 184 27.19 -18.88 4.28
C ASN A 184 26.13 -18.78 3.22
N LEU A 185 26.53 -18.40 2.03
CA LEU A 185 25.58 -18.27 0.96
C LEU A 185 25.49 -19.56 0.15
N PRO A 186 24.27 -19.89 -0.31
CA PRO A 186 24.07 -21.00 -1.24
C PRO A 186 25.09 -20.92 -2.36
N PRO A 187 25.58 -22.08 -2.85
CA PRO A 187 26.65 -22.06 -3.85
C PRO A 187 26.18 -21.49 -5.19
N LEU A 188 27.03 -20.65 -5.80
CA LEU A 188 26.77 -20.04 -7.11
C LEU A 188 26.32 -21.08 -8.14
N LEU A 189 25.27 -20.76 -8.88
CA LEU A 189 24.64 -21.71 -9.80
C LEU A 189 24.87 -21.32 -11.26
N SER A 190 25.85 -21.99 -11.89
CA SER A 190 26.31 -21.73 -13.28
C SER A 190 26.07 -20.30 -13.83
N GLU A 195 28.01 -19.34 -27.99
CA GLU A 195 27.21 -18.37 -27.25
C GLU A 195 27.68 -16.94 -27.49
N LYS A 196 28.97 -16.68 -27.23
CA LYS A 196 29.59 -15.39 -27.56
C LYS A 196 29.73 -15.30 -29.08
N ALA A 197 28.74 -14.68 -29.73
CA ALA A 197 28.58 -14.80 -31.17
C ALA A 197 27.92 -13.62 -31.88
N LYS A 198 28.09 -13.62 -33.20
CA LYS A 198 27.61 -12.56 -34.10
C LYS A 198 26.68 -13.13 -35.18
N PHE A 199 25.64 -12.36 -35.52
CA PHE A 199 24.55 -12.83 -36.36
C PHE A 199 24.46 -12.14 -37.71
N SER A 200 23.50 -12.63 -38.51
CA SER A 200 23.24 -12.16 -39.87
C SER A 200 22.15 -11.08 -39.94
N TRP A 201 21.70 -10.58 -38.80
CA TRP A 201 20.58 -9.66 -38.76
C TRP A 201 20.81 -8.56 -37.74
N THR A 202 20.27 -7.38 -38.01
CA THR A 202 20.31 -6.27 -37.06
C THR A 202 18.99 -5.47 -37.13
N PRO A 203 18.57 -4.85 -36.02
CA PRO A 203 17.45 -3.91 -36.12
C PRO A 203 17.89 -2.62 -36.77
N THR A 204 17.12 -2.16 -37.76
CA THR A 204 17.42 -0.92 -38.46
C THR A 204 16.76 0.26 -37.77
N TRP A 205 15.80 -0.02 -36.88
CA TRP A 205 15.15 1.05 -36.13
C TRP A 205 15.13 0.74 -34.64
N LEU A 206 15.79 1.59 -33.86
CA LEU A 206 15.76 1.51 -32.41
C LEU A 206 15.36 2.87 -31.91
N PRO A 207 14.58 2.92 -30.81
CA PRO A 207 14.23 4.20 -30.18
C PRO A 207 15.50 4.99 -29.84
N GLN A 208 15.45 6.32 -29.88
CA GLN A 208 16.68 7.06 -29.63
C GLN A 208 17.14 6.82 -28.20
N GLY A 209 18.35 6.29 -28.09
CA GLY A 209 18.94 6.03 -26.79
C GLY A 209 19.48 4.63 -26.59
N PHE A 210 18.85 3.65 -27.23
CA PHE A 210 19.14 2.26 -26.98
C PHE A 210 20.46 1.82 -27.57
N SER A 211 21.14 0.90 -26.88
CA SER A 211 22.35 0.27 -27.43
C SER A 211 22.54 -1.16 -26.90
N GLU A 212 23.17 -1.99 -27.73
CA GLU A 212 23.31 -3.41 -27.46
C GLU A 212 24.14 -3.68 -26.22
N VAL A 213 23.64 -4.61 -25.41
CA VAL A 213 24.27 -4.98 -24.15
C VAL A 213 25.01 -6.30 -24.30
N SER A 214 24.37 -7.28 -24.94
CA SER A 214 25.01 -8.56 -25.17
C SER A 214 24.32 -9.30 -26.31
N SER A 215 25.04 -10.27 -26.88
CA SER A 215 24.47 -11.21 -27.85
C SER A 215 24.66 -12.63 -27.34
N SER A 216 23.72 -13.51 -27.68
CA SER A 216 23.87 -14.93 -27.35
C SER A 216 23.10 -15.82 -28.30
N ARG A 217 23.66 -16.99 -28.56
CA ARG A 217 22.99 -18.05 -29.30
C ARG A 217 22.73 -19.21 -28.33
N ARG A 218 21.47 -19.64 -28.26
CA ARG A 218 21.08 -20.67 -27.31
C ARG A 218 20.26 -21.74 -28.02
N PRO A 219 20.54 -23.03 -27.73
CA PRO A 219 19.68 -24.10 -28.20
C PRO A 219 18.34 -24.12 -27.47
N LEU A 220 17.25 -24.10 -28.23
CA LEU A 220 15.90 -24.22 -27.68
C LEU A 220 15.63 -25.61 -27.12
N PRO A 221 14.71 -25.70 -26.13
CA PRO A 221 14.38 -27.00 -25.53
C PRO A 221 13.48 -27.82 -26.45
N THR A 222 13.98 -28.14 -27.64
CA THR A 222 13.20 -28.83 -28.66
C THR A 222 13.95 -30.06 -29.19
N MET A 223 13.22 -30.99 -29.82
CA MET A 223 13.81 -32.22 -30.39
C MET A 223 14.96 -31.94 -31.35
N ASP A 224 14.75 -30.97 -32.24
CA ASP A 224 15.83 -30.35 -32.99
C ASP A 224 16.50 -29.32 -32.09
N ASN A 225 17.81 -29.22 -32.16
CA ASN A 225 18.51 -28.27 -31.30
C ASN A 225 18.47 -26.86 -31.91
N MET A 226 17.26 -26.40 -32.22
CA MET A 226 17.05 -25.18 -32.99
C MET A 226 17.62 -24.00 -32.25
N PRO A 227 18.64 -23.35 -32.85
CA PRO A 227 19.18 -22.18 -32.19
C PRO A 227 18.17 -21.03 -32.14
N ILE A 228 18.31 -20.18 -31.13
CA ILE A 228 17.61 -18.92 -31.04
C ILE A 228 18.68 -17.86 -30.80
N GLU A 229 18.63 -16.79 -31.59
CA GLU A 229 19.62 -15.74 -31.49
C GLU A 229 19.02 -14.51 -30.80
N SER A 230 19.72 -14.00 -29.78
CA SER A 230 19.22 -12.90 -28.94
C SER A 230 20.17 -11.73 -28.89
N ARG A 231 19.63 -10.53 -29.09
CA ARG A 231 20.33 -9.29 -28.78
C ARG A 231 19.60 -8.65 -27.61
N LEU A 232 20.34 -8.39 -26.53
CA LEU A 232 19.82 -7.62 -25.41
C LEU A 232 20.13 -6.14 -25.61
N TYR A 233 19.09 -5.33 -25.64
CA TYR A 233 19.23 -3.88 -25.72
C TYR A 233 18.77 -3.21 -24.44
N SER A 234 19.45 -2.13 -24.08
CA SER A 234 19.01 -1.24 -22.98
C SER A 234 19.37 0.21 -23.27
N ASP A 235 18.63 1.14 -22.64
CA ASP A 235 18.92 2.56 -22.81
C ASP A 235 19.35 3.20 -21.51
N GLY A 236 19.73 2.36 -20.55
CA GLY A 236 20.08 2.75 -19.19
C GLY A 236 18.91 2.65 -18.20
N LEU A 237 17.70 2.50 -18.75
CA LEU A 237 16.52 2.50 -17.92
C LEU A 237 15.59 1.36 -18.27
N PHE A 238 15.25 1.26 -19.54
CA PHE A 238 14.38 0.21 -20.04
C PHE A 238 15.23 -0.71 -20.86
N SER A 239 14.84 -1.97 -20.91
CA SER A 239 15.57 -2.95 -21.68
C SER A 239 14.63 -3.94 -22.35
N PHE A 240 15.08 -4.52 -23.46
CA PHE A 240 14.28 -5.50 -24.20
C PHE A 240 15.23 -6.41 -24.95
N SER A 241 14.72 -7.55 -25.39
CA SER A 241 15.52 -8.43 -26.24
C SER A 241 14.85 -8.62 -27.58
N VAL A 242 15.67 -8.74 -28.61
CA VAL A 242 15.21 -9.11 -29.93
C VAL A 242 15.61 -10.55 -30.10
N ASN A 243 14.63 -11.43 -30.23
CA ASN A 243 14.94 -12.84 -30.44
C ASN A 243 14.51 -13.33 -31.81
N VAL A 244 15.45 -13.91 -32.52
CA VAL A 244 15.19 -14.47 -33.83
C VAL A 244 15.34 -15.97 -33.73
N ASN A 245 14.42 -16.68 -34.39
CA ASN A 245 14.57 -18.11 -34.61
C ASN A 245 13.87 -18.48 -35.89
N ARG A 246 14.34 -19.57 -36.49
CA ARG A 246 13.81 -20.13 -37.73
C ARG A 246 12.29 -20.30 -37.66
N ALA A 247 11.55 -19.73 -38.61
CA ALA A 247 10.10 -19.85 -38.58
C ALA A 247 9.61 -21.28 -38.86
N THR A 248 8.46 -21.62 -38.30
CA THR A 248 7.80 -22.89 -38.51
C THR A 248 6.38 -22.61 -38.98
N PRO A 249 5.69 -23.63 -39.53
CA PRO A 249 4.29 -23.46 -39.93
C PRO A 249 3.39 -23.01 -38.79
N SER A 250 3.83 -23.24 -37.55
CA SER A 250 3.05 -22.87 -36.38
C SER A 250 3.36 -21.47 -35.84
N SER A 251 4.35 -20.80 -36.44
CA SER A 251 4.69 -19.43 -36.07
C SER A 251 3.61 -18.43 -36.50
N THR A 252 3.18 -17.57 -35.58
CA THR A 252 2.11 -16.59 -35.85
C THR A 252 2.49 -15.23 -35.34
N ASP A 253 1.94 -14.17 -35.94
CA ASP A 253 2.02 -12.82 -35.37
C ASP A 253 1.16 -12.77 -34.13
N GLN A 254 1.71 -12.21 -33.05
CA GLN A 254 0.93 -11.96 -31.84
C GLN A 254 1.56 -10.96 -30.88
N MET A 255 0.70 -10.35 -30.08
CA MET A 255 1.06 -9.36 -29.09
C MET A 255 0.48 -9.76 -27.75
N LEU A 256 1.31 -9.74 -26.73
CA LEU A 256 0.87 -9.94 -25.37
C LEU A 256 1.49 -8.85 -24.51
N ARG A 257 0.66 -8.07 -23.83
CA ARG A 257 1.14 -7.16 -22.80
C ARG A 257 0.49 -7.51 -21.49
N THR A 258 1.32 -7.78 -20.49
CA THR A 258 0.81 -8.10 -19.17
C THR A 258 0.88 -6.85 -18.27
N GLY A 259 2.08 -6.53 -17.82
CA GLY A 259 2.28 -5.36 -17.00
C GLY A 259 3.35 -4.58 -17.70
N ARG A 260 4.59 -4.77 -17.28
CA ARG A 260 5.71 -4.18 -17.99
C ARG A 260 6.46 -5.20 -18.82
N ARG A 261 5.82 -6.35 -19.06
CA ARG A 261 6.32 -7.30 -20.06
C ARG A 261 5.47 -7.26 -21.32
N THR A 262 6.08 -6.86 -22.43
CA THR A 262 5.43 -6.94 -23.71
C THR A 262 6.13 -8.06 -24.46
N VAL A 263 5.36 -9.00 -24.97
CA VAL A 263 5.89 -9.99 -25.89
C VAL A 263 5.27 -9.79 -27.25
N SER A 264 6.07 -9.35 -28.19
CA SER A 264 5.59 -9.11 -29.54
C SER A 264 6.27 -10.07 -30.53
N THR A 265 5.49 -10.98 -31.10
CA THR A 265 6.00 -11.89 -32.13
C THR A 265 5.51 -11.44 -33.48
N SER A 266 6.44 -11.36 -34.43
CA SER A 266 6.08 -11.19 -35.82
C SER A 266 6.88 -12.14 -36.71
N VAL A 267 6.22 -12.64 -37.73
CA VAL A 267 6.82 -13.56 -38.68
C VAL A 267 7.04 -12.80 -39.98
N ARG A 268 8.30 -12.57 -40.32
CA ARG A 268 8.62 -12.00 -41.63
C ARG A 268 9.68 -12.84 -42.35
N ASP A 269 9.30 -13.30 -43.54
CA ASP A 269 10.08 -14.26 -44.32
C ASP A 269 10.22 -15.64 -43.65
N ASN A 270 11.43 -16.07 -43.33
CA ASN A 270 11.62 -17.40 -42.74
C ASN A 270 11.90 -17.29 -41.26
N ALA A 271 11.66 -16.12 -40.71
CA ALA A 271 12.07 -15.85 -39.35
C ALA A 271 10.91 -15.56 -38.40
N GLU A 272 11.05 -16.06 -37.17
CA GLU A 272 10.14 -15.71 -36.08
C GLU A 272 10.85 -14.73 -35.20
N ILE A 273 10.34 -13.50 -35.18
CA ILE A 273 10.97 -12.43 -34.42
C ILE A 273 10.09 -12.07 -33.25
N THR A 274 10.66 -12.19 -32.06
CA THR A 274 9.88 -11.97 -30.87
C THR A 274 10.63 -11.00 -29.96
N ILE A 275 9.96 -9.91 -29.62
CA ILE A 275 10.54 -8.84 -28.82
C ILE A 275 10.00 -8.94 -27.39
N VAL A 276 10.90 -8.96 -26.42
CA VAL A 276 10.51 -9.17 -25.02
C VAL A 276 11.09 -8.04 -24.17
N GLY A 277 10.23 -7.28 -23.50
CA GLY A 277 10.74 -6.19 -22.69
C GLY A 277 9.74 -5.13 -22.28
N GLU A 278 10.25 -4.11 -21.61
CA GLU A 278 9.43 -3.05 -21.07
C GLU A 278 9.26 -1.98 -22.14
N LEU A 279 8.36 -2.22 -23.09
CA LEU A 279 8.13 -1.31 -24.20
C LEU A 279 6.65 -1.26 -24.54
N PRO A 280 6.15 -0.08 -24.93
CA PRO A 280 4.81 -0.04 -25.52
C PRO A 280 4.75 -0.98 -26.71
N PRO A 281 3.69 -1.80 -26.79
CA PRO A 281 3.40 -2.64 -27.94
C PRO A 281 3.76 -2.03 -29.29
N GLN A 282 3.23 -0.85 -29.60
CA GLN A 282 3.55 -0.15 -30.85
C GLN A 282 5.07 -0.09 -31.13
N THR A 283 5.85 0.31 -30.12
CA THR A 283 7.30 0.40 -30.28
C THR A 283 7.94 -0.96 -30.54
N ALA A 284 7.47 -2.00 -29.83
CA ALA A 284 8.03 -3.32 -30.01
C ALA A 284 7.86 -3.78 -31.46
N LYS A 285 6.63 -3.65 -31.95
CA LYS A 285 6.27 -4.05 -33.30
C LYS A 285 7.13 -3.29 -34.31
N ARG A 286 7.28 -1.97 -34.09
CA ARG A 286 8.07 -1.16 -34.99
C ARG A 286 9.51 -1.65 -35.08
N ILE A 287 10.05 -2.14 -33.97
CA ILE A 287 11.38 -2.72 -33.98
C ILE A 287 11.36 -4.03 -34.76
N ALA A 288 10.49 -4.94 -34.37
CA ALA A 288 10.38 -6.23 -35.03
C ALA A 288 10.28 -6.08 -36.54
N GLU A 289 9.46 -5.14 -37.01
CA GLU A 289 9.29 -5.01 -38.44
C GLU A 289 10.27 -4.03 -39.09
N ASN A 290 11.46 -3.95 -38.53
CA ASN A 290 12.53 -3.17 -39.13
C ASN A 290 13.90 -3.84 -39.03
N ILE A 291 13.90 -5.12 -38.67
CA ILE A 291 15.10 -5.94 -38.76
C ILE A 291 15.45 -6.20 -40.24
N LYS A 292 16.71 -5.95 -40.61
CA LYS A 292 17.24 -6.38 -41.90
C LYS A 292 17.99 -7.71 -41.76
N PHE A 293 18.06 -8.50 -42.84
CA PHE A 293 18.82 -9.75 -42.86
C PHE A 293 19.85 -9.75 -43.99
N GLY A 294 21.07 -10.20 -43.69
CA GLY A 294 22.18 -10.23 -44.65
C GLY A 294 22.92 -8.91 -44.80
N ALA A 295 22.97 -8.13 -43.72
CA ALA A 295 23.60 -6.79 -43.70
C ALA A 295 25.11 -6.83 -43.92
N ALA B 5 -8.41 -19.75 22.84
CA ALA B 5 -9.25 -18.74 23.53
C ALA B 5 -9.12 -17.38 22.82
N SER B 6 -9.88 -17.25 21.76
CA SER B 6 -9.86 -16.06 20.92
C SER B 6 -10.32 -14.86 21.73
N GLY B 7 -11.36 -15.07 22.53
CA GLY B 7 -11.86 -14.01 23.39
C GLY B 7 -10.76 -13.42 24.23
N ALA B 8 -9.94 -14.29 24.83
CA ALA B 8 -8.85 -13.80 25.65
C ALA B 8 -7.80 -13.13 24.78
N LEU B 9 -7.44 -13.73 23.65
CA LEU B 9 -6.48 -13.08 22.78
C LEU B 9 -6.94 -11.67 22.40
N LEU B 10 -8.22 -11.50 22.06
CA LEU B 10 -8.70 -10.18 21.64
C LEU B 10 -8.66 -9.17 22.79
N GLN B 11 -8.99 -9.61 23.99
CA GLN B 11 -8.89 -8.75 25.16
C GLN B 11 -7.46 -8.31 25.36
N GLN B 12 -6.50 -9.23 25.15
CA GLN B 12 -5.08 -8.91 25.26
C GLN B 12 -4.64 -7.88 24.22
N MET B 13 -5.11 -8.01 22.99
CA MET B 13 -4.84 -7.02 21.95
C MET B 13 -5.25 -5.63 22.39
N ASN B 14 -6.49 -5.52 22.86
CA ASN B 14 -7.01 -4.27 23.38
C ASN B 14 -6.10 -3.72 24.47
N LEU B 15 -5.71 -4.57 25.42
CA LEU B 15 -4.88 -4.12 26.49
C LEU B 15 -3.50 -3.69 26.04
N ALA B 16 -2.94 -4.37 25.03
CA ALA B 16 -1.62 -4.01 24.53
C ALA B 16 -1.69 -2.64 23.89
N SER B 17 -2.81 -2.37 23.22
CA SER B 17 -3.04 -1.13 22.50
C SER B 17 -3.09 0.09 23.39
N GLN B 18 -3.50 -0.13 24.63
CA GLN B 18 -3.76 0.94 25.57
C GLN B 18 -2.63 1.21 26.53
N SER B 19 -1.70 0.27 26.63
CA SER B 19 -0.73 0.32 27.70
C SER B 19 0.72 0.22 27.24
N LEU B 20 0.97 -0.11 25.98
CA LEU B 20 2.35 -0.19 25.49
C LEU B 20 2.79 1.11 24.80
N ASN B 21 4.10 1.30 24.67
CA ASN B 21 4.66 2.34 23.81
C ASN B 21 4.93 1.70 22.47
N TYR B 22 4.41 2.27 21.38
CA TYR B 22 4.59 1.64 20.07
C TYR B 22 4.40 2.64 18.94
N GLU B 23 4.89 2.26 17.77
CA GLU B 23 4.65 3.03 16.55
C GLU B 23 4.17 2.09 15.44
N LEU B 24 3.01 2.36 14.88
CA LEU B 24 2.52 1.60 13.75
C LEU B 24 2.58 2.42 12.48
N SER B 25 3.26 1.89 11.48
CA SER B 25 3.24 2.46 10.14
C SER B 25 2.36 1.62 9.22
N PHE B 26 1.19 2.15 8.90
CA PHE B 26 0.19 1.31 8.26
C PHE B 26 -0.52 1.99 7.10
N ILE B 27 -1.18 1.19 6.29
CA ILE B 27 -2.01 1.72 5.21
C ILE B 27 -3.47 1.38 5.44
N SER B 28 -4.32 2.31 5.04
CA SER B 28 -5.74 2.14 5.06
C SER B 28 -6.19 2.00 3.62
N ILE B 29 -6.80 0.86 3.27
CA ILE B 29 -7.24 0.57 1.92
C ILE B 29 -8.76 0.54 1.83
N ASN B 30 -9.32 1.30 0.91
CA ASN B 30 -10.76 1.30 0.60
C ASN B 30 -10.98 1.89 -0.80
N LYS B 31 -12.24 2.09 -1.18
CA LYS B 31 -12.56 2.61 -2.53
C LYS B 31 -11.80 3.88 -2.93
N GLN B 32 -11.54 4.77 -1.96
CA GLN B 32 -10.71 5.97 -2.18
C GLN B 32 -9.28 5.64 -2.61
N GLY B 33 -8.72 4.55 -2.10
CA GLY B 33 -7.38 4.12 -2.47
C GLY B 33 -6.56 3.66 -1.28
N VAL B 34 -5.24 3.78 -1.40
CA VAL B 34 -4.34 3.35 -0.36
C VAL B 34 -3.76 4.55 0.37
N GLU B 35 -4.24 4.82 1.59
CA GLU B 35 -3.75 5.95 2.38
C GLU B 35 -2.66 5.53 3.39
N SER B 36 -1.65 6.38 3.50
CA SER B 36 -0.48 6.08 4.32
C SER B 36 -0.51 6.82 5.67
N LEU B 37 -0.67 6.08 6.76
CA LEU B 37 -0.77 6.68 8.09
C LEU B 37 0.33 6.23 9.06
N ARG B 38 0.61 7.05 10.06
CA ARG B 38 1.48 6.66 11.17
C ARG B 38 0.78 6.88 12.50
N TYR B 39 0.76 5.86 13.34
CA TYR B 39 0.18 5.99 14.68
C TYR B 39 1.24 5.71 15.73
N ARG B 40 1.38 6.62 16.68
CA ARG B 40 2.29 6.46 17.80
C ARG B 40 1.49 6.52 19.07
N HIS B 41 1.78 5.60 19.97
CA HIS B 41 1.09 5.55 21.24
C HIS B 41 2.10 5.43 22.35
N ALA B 42 1.81 6.06 23.48
CA ALA B 42 2.62 5.91 24.67
C ALA B 42 1.81 6.22 25.92
N ARG B 43 2.40 5.90 27.06
CA ARG B 43 1.85 6.27 28.36
C ARG B 43 2.88 7.15 29.02
N LEU B 44 2.49 8.36 29.38
CA LEU B 44 3.37 9.22 30.16
C LEU B 44 2.56 9.90 31.25
N ASP B 45 3.09 9.83 32.47
CA ASP B 45 2.42 10.33 33.69
C ASP B 45 1.03 9.70 33.86
N ASN B 46 0.99 8.37 33.72
CA ASN B 46 -0.24 7.58 33.82
C ASN B 46 -1.40 8.22 33.05
N ARG B 47 -1.14 8.49 31.77
CA ARG B 47 -2.07 9.18 30.92
C ARG B 47 -1.73 8.78 29.48
N PRO B 48 -2.75 8.55 28.65
CA PRO B 48 -2.47 8.20 27.27
C PRO B 48 -1.89 9.36 26.46
N LEU B 49 -1.01 9.03 25.53
CA LEU B 49 -0.35 9.99 24.69
C LEU B 49 -0.32 9.35 23.32
N ALA B 50 -0.82 10.05 22.30
CA ALA B 50 -0.92 9.45 20.97
C ALA B 50 -0.85 10.45 19.81
N GLN B 51 -0.40 9.98 18.66
CA GLN B 51 -0.38 10.81 17.47
C GLN B 51 -0.75 9.99 16.24
N LEU B 52 -1.69 10.49 15.46
CA LEU B 52 -2.05 9.93 14.17
C LEU B 52 -1.66 10.94 13.13
N LEU B 53 -0.77 10.55 12.23
CA LEU B 53 -0.30 11.46 11.21
C LEU B 53 -0.61 10.94 9.82
N GLN B 54 -1.17 11.80 8.96
CA GLN B 54 -1.29 11.48 7.54
C GLN B 54 0.06 11.70 6.95
N MET B 55 0.58 10.71 6.22
CA MET B 55 1.97 10.76 5.79
C MET B 55 2.21 11.48 4.50
N ASP B 56 1.22 11.47 3.60
CA ASP B 56 1.41 12.07 2.28
C ASP B 56 0.49 13.25 2.12
N GLY B 57 0.91 14.21 1.31
CA GLY B 57 0.06 15.33 1.01
C GLY B 57 0.10 16.33 2.14
N PRO B 58 -1.00 17.09 2.33
CA PRO B 58 -0.96 18.10 3.37
C PRO B 58 -0.91 17.42 4.73
N ARG B 59 -0.26 18.09 5.68
CA ARG B 59 0.08 17.52 6.98
C ARG B 59 -1.10 17.44 7.96
N ARG B 60 -2.08 16.58 7.68
CA ARG B 60 -3.16 16.31 8.63
C ARG B 60 -2.60 15.61 9.86
N GLU B 61 -2.79 16.20 11.03
CA GLU B 61 -2.35 15.57 12.28
C GLU B 61 -3.48 15.52 13.32
N VAL B 62 -3.51 14.45 14.10
CA VAL B 62 -4.40 14.36 15.25
C VAL B 62 -3.62 13.85 16.48
N VAL B 63 -3.71 14.56 17.60
CA VAL B 63 -3.04 14.11 18.83
C VAL B 63 -3.99 13.89 20.00
N GLN B 64 -3.64 12.93 20.84
CA GLN B 64 -4.36 12.65 22.06
C GLN B 64 -3.46 12.90 23.28
N ARG B 65 -3.95 13.64 24.25
CA ARG B 65 -3.25 13.82 25.52
C ARG B 65 -4.28 13.75 26.63
N GLY B 66 -4.30 12.61 27.32
CA GLY B 66 -5.36 12.26 28.24
C GLY B 66 -6.68 12.16 27.50
N ASN B 67 -7.64 12.99 27.90
CA ASN B 67 -8.96 13.03 27.27
C ASN B 67 -9.10 14.26 26.40
N GLU B 68 -7.96 14.82 26.02
CA GLU B 68 -7.93 15.92 25.08
C GLU B 68 -7.41 15.35 23.77
N ILE B 69 -8.26 15.42 22.75
CA ILE B 69 -7.91 15.03 21.38
C ILE B 69 -7.89 16.32 20.57
N SER B 70 -6.72 16.70 20.08
CA SER B 70 -6.58 17.92 19.30
C SER B 70 -6.40 17.59 17.82
N TYR B 71 -7.15 18.28 16.98
CA TYR B 71 -7.11 18.06 15.54
C TYR B 71 -6.31 19.14 14.86
N PHE B 72 -5.65 18.80 13.75
CA PHE B 72 -4.83 19.77 12.99
C PHE B 72 -4.96 19.57 11.47
N GLU B 73 -4.90 20.69 10.73
CA GLU B 73 -4.78 20.70 9.26
C GLU B 73 -3.76 21.75 8.83
N PRO B 78 -8.37 24.38 13.81
CA PRO B 78 -7.21 24.04 14.64
C PRO B 78 -7.61 23.91 16.12
N PHE B 79 -8.57 23.02 16.38
CA PHE B 79 -9.30 22.95 17.66
C PHE B 79 -8.90 21.73 18.52
N THR B 80 -9.59 21.53 19.65
CA THR B 80 -9.53 20.27 20.40
C THR B 80 -10.88 19.93 21.05
N LEU B 81 -11.06 18.67 21.41
CA LEU B 81 -12.24 18.25 22.14
C LEU B 81 -11.98 17.05 23.03
N ASN B 82 -13.01 16.55 23.70
CA ASN B 82 -12.85 15.46 24.65
C ASN B 82 -13.25 14.13 24.08
N GLY B 83 -12.49 13.10 24.44
CA GLY B 83 -12.69 11.75 23.95
C GLY B 83 -11.62 10.85 24.50
N ASP B 84 -11.89 9.56 24.56
CA ASP B 84 -10.98 8.62 25.24
C ASP B 84 -10.01 7.96 24.27
N TYR B 85 -10.14 8.26 22.99
CA TYR B 85 -9.35 7.61 21.95
C TYR B 85 -9.55 8.32 20.63
N ILE B 86 -8.54 8.28 19.78
CA ILE B 86 -8.64 8.81 18.43
C ILE B 86 -9.58 7.95 17.59
N VAL B 87 -10.34 8.57 16.70
CA VAL B 87 -11.37 7.86 15.96
C VAL B 87 -11.12 7.64 14.46
N ASP B 88 -11.74 6.56 14.01
CA ASP B 88 -11.97 6.25 12.59
C ASP B 88 -10.81 6.50 11.63
N SER B 89 -9.69 5.88 11.98
CA SER B 89 -8.90 5.12 11.01
C SER B 89 -8.26 3.96 11.77
N LEU B 90 -7.24 4.26 12.56
CA LEU B 90 -6.76 3.35 13.61
C LEU B 90 -7.97 2.58 14.15
N PRO B 91 -7.92 1.24 14.06
CA PRO B 91 -9.16 0.48 14.00
C PRO B 91 -9.93 0.42 15.32
N SER B 92 -10.99 1.23 15.39
CA SER B 92 -11.77 1.48 16.58
C SER B 92 -12.11 0.21 17.35
N LEU B 93 -12.03 -0.93 16.66
CA LEU B 93 -12.20 -2.20 17.32
C LEU B 93 -11.03 -2.52 18.24
N ILE B 94 -9.91 -1.84 18.05
CA ILE B 94 -8.73 -1.98 18.92
C ILE B 94 -9.00 -1.44 20.33
N TYR B 95 -9.89 -0.47 20.41
CA TYR B 95 -10.29 0.08 21.69
C TYR B 95 -11.63 -0.48 22.16
N THR B 96 -11.93 -1.70 21.74
CA THR B 96 -13.20 -2.35 22.00
C THR B 96 -13.16 -3.19 23.27
N ASP B 97 -14.19 -3.06 24.09
CA ASP B 97 -14.36 -3.91 25.25
C ASP B 97 -14.98 -5.24 24.82
N PHE B 98 -14.11 -6.20 24.51
CA PHE B 98 -14.54 -7.52 24.06
C PHE B 98 -15.30 -8.38 25.09
N LYS B 99 -15.13 -8.07 26.38
CA LYS B 99 -15.92 -8.75 27.41
C LYS B 99 -17.38 -8.32 27.32
N ARG B 100 -17.60 -7.04 26.98
CA ARG B 100 -18.93 -6.49 26.74
C ARG B 100 -19.59 -7.18 25.56
N LEU B 101 -18.78 -7.48 24.54
CA LEU B 101 -19.25 -8.05 23.28
C LEU B 101 -19.61 -9.55 23.30
N SER B 102 -18.89 -10.35 24.10
CA SER B 102 -18.95 -11.82 24.01
C SER B 102 -20.35 -12.46 24.06
N PRO B 103 -21.28 -11.90 24.86
CA PRO B 103 -22.59 -12.56 24.96
C PRO B 103 -23.28 -12.68 23.60
N TYR B 104 -22.97 -11.74 22.72
CA TYR B 104 -23.68 -11.65 21.45
C TYR B 104 -22.76 -11.60 20.22
N TYR B 105 -21.46 -11.83 20.44
CA TYR B 105 -20.55 -12.05 19.35
C TYR B 105 -19.93 -13.43 19.44
N ASP B 106 -19.51 -13.95 18.29
CA ASP B 106 -18.66 -15.11 18.24
C ASP B 106 -17.26 -14.65 17.87
N PHE B 107 -16.26 -15.19 18.56
CA PHE B 107 -14.88 -14.95 18.21
C PHE B 107 -14.34 -16.27 17.66
N ILE B 108 -13.99 -16.30 16.39
CA ILE B 108 -13.62 -17.56 15.75
C ILE B 108 -12.17 -17.59 15.29
N SER B 109 -11.45 -18.58 15.78
CA SER B 109 -10.08 -18.82 15.42
C SER B 109 -10.00 -19.34 13.98
N VAL B 110 -9.17 -18.71 13.16
CA VAL B 110 -8.96 -19.23 11.82
C VAL B 110 -7.46 -19.54 11.63
N GLY B 111 -6.74 -19.69 12.74
CA GLY B 111 -5.35 -20.17 12.69
C GLY B 111 -4.31 -19.07 12.71
N ARG B 112 -3.09 -19.40 12.32
CA ARG B 112 -1.98 -18.45 12.36
C ARG B 112 -1.42 -18.19 10.98
N THR B 113 -0.77 -17.05 10.81
CA THR B 113 -0.26 -16.64 9.51
C THR B 113 0.76 -15.51 9.67
N ARG B 114 1.72 -15.38 8.74
CA ARG B 114 2.66 -14.25 8.73
C ARG B 114 2.06 -12.98 8.17
N ILE B 115 2.00 -11.93 8.99
CA ILE B 115 1.78 -10.56 8.51
C ILE B 115 2.86 -9.70 9.12
N ALA B 116 3.37 -8.74 8.35
CA ALA B 116 4.40 -7.84 8.84
C ALA B 116 5.57 -8.54 9.52
N ASP B 117 6.04 -9.63 8.94
CA ASP B 117 7.18 -10.36 9.47
C ASP B 117 6.91 -10.86 10.90
N ARG B 118 5.64 -11.09 11.23
CA ARG B 118 5.30 -11.67 12.52
C ARG B 118 4.29 -12.81 12.37
N LEU B 119 4.37 -13.81 13.23
CA LEU B 119 3.35 -14.82 13.28
C LEU B 119 2.12 -14.22 13.97
N CYS B 120 0.95 -14.30 13.34
CA CYS B 120 -0.27 -13.69 13.89
C CYS B 120 -1.37 -14.70 14.14
N GLU B 121 -2.12 -14.53 15.23
CA GLU B 121 -3.39 -15.22 15.40
C GLU B 121 -4.42 -14.54 14.49
N VAL B 122 -5.22 -15.32 13.80
CA VAL B 122 -6.24 -14.75 12.97
C VAL B 122 -7.60 -15.07 13.56
N ILE B 123 -8.38 -14.03 13.83
CA ILE B 123 -9.65 -14.18 14.53
C ILE B 123 -10.80 -13.46 13.84
N ARG B 124 -11.88 -14.16 13.57
CA ARG B 124 -13.11 -13.52 13.08
C ARG B 124 -13.96 -13.00 14.24
N VAL B 125 -14.51 -11.81 14.10
CA VAL B 125 -15.42 -11.28 15.10
C VAL B 125 -16.74 -11.12 14.40
N VAL B 126 -17.70 -11.99 14.74
CA VAL B 126 -19.01 -12.01 14.07
C VAL B 126 -20.11 -11.87 15.09
N ALA B 127 -21.11 -11.05 14.78
CA ALA B 127 -22.27 -10.96 15.64
C ALA B 127 -23.18 -12.18 15.42
N ARG B 128 -23.56 -12.83 16.53
CA ARG B 128 -24.33 -14.08 16.51
C ARG B 128 -25.64 -14.06 15.71
N ASP B 129 -26.32 -12.92 15.70
CA ASP B 129 -27.64 -12.84 15.05
C ASP B 129 -27.61 -12.53 13.56
N GLY B 130 -26.44 -12.60 12.93
CA GLY B 130 -26.27 -12.39 11.48
C GLY B 130 -26.65 -11.01 10.96
N THR B 131 -26.60 -10.02 11.84
CA THR B 131 -27.24 -8.75 11.59
C THR B 131 -26.27 -7.62 11.16
N ARG B 132 -24.96 -7.80 11.38
CA ARG B 132 -23.97 -6.73 11.16
C ARG B 132 -22.86 -7.16 10.23
N TYR B 133 -21.97 -6.21 9.94
CA TYR B 133 -20.74 -6.53 9.25
C TYR B 133 -19.85 -7.30 10.22
N SER B 134 -18.73 -7.82 9.72
CA SER B 134 -17.80 -8.58 10.56
C SER B 134 -16.38 -8.11 10.36
N TYR B 135 -15.53 -8.45 11.31
CA TYR B 135 -14.12 -8.17 11.28
C TYR B 135 -13.33 -9.44 11.22
N ILE B 136 -12.18 -9.40 10.58
CA ILE B 136 -11.19 -10.40 10.83
C ILE B 136 -9.89 -9.69 11.18
N VAL B 137 -9.29 -10.15 12.28
CA VAL B 137 -8.12 -9.53 12.90
C VAL B 137 -6.92 -10.44 12.84
N TRP B 138 -5.80 -9.91 12.40
CA TRP B 138 -4.54 -10.61 12.53
C TRP B 138 -3.81 -9.88 13.64
N MET B 139 -3.46 -10.58 14.71
CA MET B 139 -2.71 -9.94 15.78
C MET B 139 -1.37 -10.57 16.03
N ASP B 140 -0.39 -9.71 16.24
CA ASP B 140 0.96 -10.16 16.57
C ASP B 140 0.94 -11.06 17.81
N THR B 141 1.58 -12.19 17.62
CA THR B 141 1.59 -13.23 18.59
C THR B 141 2.44 -12.84 19.80
N GLU B 142 3.41 -11.97 19.57
CA GLU B 142 4.28 -11.50 20.64
C GLU B 142 3.72 -10.25 21.33
N SER B 143 3.52 -9.19 20.58
CA SER B 143 3.13 -7.94 21.20
C SER B 143 1.63 -7.86 21.43
N LYS B 144 0.88 -8.69 20.72
CA LYS B 144 -0.58 -8.66 20.73
C LYS B 144 -1.15 -7.47 19.95
N LEU B 145 -0.30 -6.66 19.33
CA LEU B 145 -0.80 -5.51 18.56
C LEU B 145 -1.44 -5.94 17.23
N PRO B 146 -2.43 -5.18 16.73
CA PRO B 146 -3.09 -5.56 15.50
C PRO B 146 -2.13 -5.37 14.29
N MET B 147 -1.97 -6.40 13.47
CA MET B 147 -1.11 -6.31 12.29
C MET B 147 -1.94 -6.07 11.02
N ARG B 148 -3.17 -6.56 11.01
CA ARG B 148 -4.07 -6.34 9.90
C ARG B 148 -5.51 -6.47 10.35
N VAL B 149 -6.39 -5.63 9.81
CA VAL B 149 -7.80 -5.70 10.12
C VAL B 149 -8.64 -5.49 8.89
N ASP B 150 -9.51 -6.46 8.59
CA ASP B 150 -10.47 -6.30 7.49
C ASP B 150 -11.89 -6.11 8.02
N LEU B 151 -12.60 -5.14 7.47
CA LEU B 151 -14.03 -5.03 7.71
C LEU B 151 -14.71 -5.70 6.55
N LEU B 152 -15.65 -6.60 6.86
CA LEU B 152 -16.30 -7.43 5.84
C LEU B 152 -17.80 -7.27 5.78
N ASP B 153 -18.29 -7.20 4.54
CA ASP B 153 -19.68 -7.43 4.13
C ASP B 153 -20.26 -8.65 4.79
N ARG B 154 -21.58 -8.70 4.88
CA ARG B 154 -22.23 -9.95 5.24
C ARG B 154 -22.05 -10.99 4.13
N ASP B 155 -21.70 -10.53 2.93
CA ASP B 155 -21.33 -11.40 1.81
C ASP B 155 -19.82 -11.61 1.68
N GLY B 156 -19.07 -11.25 2.72
CA GLY B 156 -17.60 -11.42 2.71
C GLY B 156 -16.78 -10.49 1.84
N GLU B 157 -17.41 -9.52 1.16
CA GLU B 157 -16.68 -8.49 0.43
C GLU B 157 -16.06 -7.49 1.41
N THR B 158 -14.82 -7.10 1.15
CA THR B 158 -14.12 -6.24 2.10
C THR B 158 -14.42 -4.76 1.89
N LEU B 159 -14.85 -4.09 2.94
CA LEU B 159 -15.26 -2.71 2.86
C LEU B 159 -14.12 -1.78 3.19
N GLU B 160 -13.21 -2.26 4.02
CA GLU B 160 -12.13 -1.46 4.57
C GLU B 160 -11.06 -2.39 5.07
N GLN B 161 -9.81 -1.97 4.87
CA GLN B 161 -8.66 -2.79 5.27
C GLN B 161 -7.57 -1.93 5.91
N PHE B 162 -7.08 -2.42 7.04
CA PHE B 162 -6.03 -1.77 7.83
C PHE B 162 -4.84 -2.73 7.77
N ARG B 163 -3.71 -2.27 7.25
CA ARG B 163 -2.53 -3.16 7.15
C ARG B 163 -1.30 -2.49 7.66
N VAL B 164 -0.70 -3.05 8.71
CA VAL B 164 0.59 -2.56 9.19
C VAL B 164 1.69 -2.92 8.20
N ILE B 165 2.52 -1.93 7.87
CA ILE B 165 3.64 -2.13 6.96
C ILE B 165 4.96 -2.21 7.71
N ALA B 166 5.11 -1.43 8.79
CA ALA B 166 6.27 -1.50 9.69
C ALA B 166 5.84 -1.09 11.07
N PHE B 167 6.50 -1.61 12.08
CA PHE B 167 6.24 -1.18 13.44
C PHE B 167 7.38 -1.49 14.37
N ASN B 168 7.39 -0.80 15.49
CA ASN B 168 8.25 -1.12 16.59
C ASN B 168 7.44 -1.00 17.87
N VAL B 169 7.86 -1.73 18.88
CA VAL B 169 7.14 -1.79 20.14
C VAL B 169 8.14 -1.75 21.28
N ASN B 170 7.76 -1.17 22.41
CA ASN B 170 8.60 -1.15 23.62
C ASN B 170 9.79 -0.20 23.60
N GLN B 171 10.04 0.48 22.47
CA GLN B 171 11.11 1.47 22.40
C GLN B 171 10.74 2.71 23.22
N ASP B 172 11.75 3.51 23.56
CA ASP B 172 11.46 4.77 24.27
C ASP B 172 10.81 5.80 23.33
N ILE B 173 10.14 6.77 23.96
CA ILE B 173 9.23 7.70 23.33
C ILE B 173 9.98 8.74 22.49
N SER B 174 9.53 8.93 21.25
CA SER B 174 10.06 9.96 20.34
C SER B 174 10.15 11.35 20.98
N SER B 175 11.06 12.17 20.44
CA SER B 175 11.17 13.58 20.81
C SER B 175 9.82 14.24 20.63
N SER B 176 9.15 13.91 19.51
CA SER B 176 7.80 14.36 19.19
C SER B 176 6.87 14.20 20.39
N MET B 177 6.70 12.95 20.81
CA MET B 177 5.77 12.61 21.88
C MET B 177 6.24 13.15 23.21
N GLN B 178 7.56 13.18 23.38
CA GLN B 178 8.18 13.77 24.58
C GLN B 178 7.84 15.27 24.65
N THR B 179 7.87 15.94 23.51
CA THR B 179 7.40 17.32 23.40
C THR B 179 5.90 17.39 23.71
N LEU B 180 5.10 16.71 22.88
CA LEU B 180 3.64 16.72 23.00
C LEU B 180 3.12 16.55 24.44
N ALA B 181 3.90 15.84 25.26
CA ALA B 181 3.56 15.62 26.66
C ALA B 181 3.39 16.94 27.42
N LYS B 182 4.29 17.88 27.18
CA LYS B 182 4.28 19.17 27.88
C LYS B 182 3.64 20.31 27.06
N ALA B 183 3.80 20.25 25.73
CA ALA B 183 3.31 21.30 24.82
C ALA B 183 1.84 21.65 25.05
N ASN B 184 1.54 22.95 25.06
CA ASN B 184 0.18 23.44 25.21
C ASN B 184 -0.65 23.29 23.93
N LEU B 185 -1.88 22.84 24.11
CA LEU B 185 -2.78 22.52 23.01
C LEU B 185 -3.89 23.58 22.96
N PRO B 186 -4.74 23.55 21.89
CA PRO B 186 -5.83 24.53 21.67
C PRO B 186 -7.12 24.59 22.55
N PRO B 187 -7.36 23.62 23.48
CA PRO B 187 -8.69 23.26 24.02
C PRO B 187 -9.92 24.14 23.78
N LEU B 188 -10.99 23.50 23.29
CA LEU B 188 -12.35 23.96 23.47
C LEU B 188 -12.78 23.51 24.86
N ALA B 197 -33.07 15.47 26.66
CA ALA B 197 -34.14 15.73 25.70
C ALA B 197 -34.91 14.45 25.35
N LYS B 198 -36.24 14.54 25.40
CA LYS B 198 -37.14 13.38 25.30
C LYS B 198 -37.94 13.36 24.00
N PHE B 199 -37.89 12.24 23.28
CA PHE B 199 -38.54 12.13 21.96
C PHE B 199 -39.83 11.32 22.03
N SER B 200 -40.68 11.54 21.03
CA SER B 200 -41.99 10.87 20.94
C SER B 200 -41.94 9.56 20.14
N TRP B 201 -40.73 9.14 19.78
CA TRP B 201 -40.52 7.94 18.97
C TRP B 201 -39.39 7.07 19.52
N THR B 202 -39.52 5.75 19.34
CA THR B 202 -38.41 4.81 19.60
C THR B 202 -38.37 3.74 18.52
N PRO B 203 -37.16 3.15 18.28
CA PRO B 203 -37.07 1.95 17.47
C PRO B 203 -37.59 0.72 18.20
N THR B 204 -38.47 -0.01 17.54
CA THR B 204 -39.08 -1.21 18.08
C THR B 204 -38.22 -2.43 17.81
N TRP B 205 -37.32 -2.29 16.85
CA TRP B 205 -36.38 -3.37 16.52
C TRP B 205 -34.94 -2.88 16.41
N LEU B 206 -34.08 -3.43 17.26
CA LEU B 206 -32.66 -3.18 17.18
C LEU B 206 -31.95 -4.52 17.16
N PRO B 207 -30.86 -4.64 16.37
CA PRO B 207 -30.07 -5.86 16.38
C PRO B 207 -29.67 -6.24 17.80
N GLN B 208 -29.56 -7.54 18.07
CA GLN B 208 -29.22 -8.01 19.41
C GLN B 208 -27.89 -7.40 19.84
N GLY B 209 -27.93 -6.59 20.88
CA GLY B 209 -26.70 -6.04 21.44
C GLY B 209 -26.62 -4.54 21.58
N PHE B 210 -27.32 -3.81 20.70
CA PHE B 210 -27.28 -2.34 20.70
C PHE B 210 -28.02 -1.68 21.85
N SER B 211 -27.51 -0.53 22.27
CA SER B 211 -28.16 0.28 23.30
C SER B 211 -27.83 1.74 23.08
N GLU B 212 -28.76 2.62 23.45
CA GLU B 212 -28.63 4.04 23.22
C GLU B 212 -27.46 4.64 23.96
N VAL B 213 -26.76 5.54 23.29
CA VAL B 213 -25.58 6.22 23.84
C VAL B 213 -25.96 7.64 24.26
N SER B 214 -26.72 8.33 23.41
CA SER B 214 -27.12 9.70 23.69
C SER B 214 -28.32 10.09 22.82
N SER B 215 -29.01 11.14 23.22
CA SER B 215 -30.06 11.77 22.42
C SER B 215 -29.75 13.24 22.26
N SER B 216 -30.15 13.81 21.13
CA SER B 216 -29.98 15.24 20.92
C SER B 216 -31.03 15.80 19.98
N ARG B 217 -31.44 17.03 20.24
CA ARG B 217 -32.25 17.80 19.30
C ARG B 217 -31.37 18.93 18.76
N ARG B 218 -31.38 19.06 17.44
CA ARG B 218 -30.53 20.04 16.75
C ARG B 218 -31.36 20.81 15.72
N PRO B 219 -31.26 22.14 15.72
CA PRO B 219 -31.87 22.90 14.63
C PRO B 219 -31.09 22.71 13.32
N LEU B 220 -31.82 22.34 12.26
CA LEU B 220 -31.24 22.15 10.93
C LEU B 220 -30.81 23.50 10.34
N PRO B 221 -29.80 23.49 9.44
CA PRO B 221 -29.35 24.73 8.81
C PRO B 221 -30.31 25.20 7.71
N THR B 222 -31.56 25.50 8.10
CA THR B 222 -32.61 25.87 7.16
C THR B 222 -33.28 27.16 7.59
N MET B 223 -34.01 27.80 6.67
CA MET B 223 -34.71 29.06 6.97
C MET B 223 -35.74 28.91 8.10
N ASP B 224 -36.46 27.79 8.10
CA ASP B 224 -37.20 27.32 9.28
C ASP B 224 -36.19 26.65 10.20
N ASN B 225 -36.30 26.89 11.51
CA ASN B 225 -35.36 26.26 12.41
C ASN B 225 -35.80 24.84 12.75
N MET B 226 -36.02 24.03 11.71
CA MET B 226 -36.70 22.76 11.88
C MET B 226 -35.85 21.74 12.60
N PRO B 227 -36.36 21.23 13.72
CA PRO B 227 -35.57 20.37 14.57
C PRO B 227 -35.34 19.03 13.90
N ILE B 228 -34.21 18.41 14.22
CA ILE B 228 -33.94 17.04 13.86
C ILE B 228 -33.61 16.34 15.18
N GLU B 229 -34.24 15.21 15.40
CA GLU B 229 -34.06 14.46 16.63
C GLU B 229 -33.21 13.22 16.35
N SER B 230 -32.15 13.05 17.12
CA SER B 230 -31.20 11.97 16.88
C SER B 230 -30.98 11.09 18.11
N ARG B 231 -30.99 9.78 17.89
CA ARG B 231 -30.55 8.83 18.89
C ARG B 231 -29.32 8.13 18.36
N LEU B 232 -28.25 8.17 19.14
CA LEU B 232 -27.01 7.45 18.83
C LEU B 232 -27.02 6.08 19.51
N TYR B 233 -26.94 5.04 18.69
CA TYR B 233 -26.90 3.68 19.18
C TYR B 233 -25.51 3.10 18.91
N SER B 234 -25.07 2.21 19.80
CA SER B 234 -23.81 1.49 19.66
C SER B 234 -23.94 0.13 20.33
N ASP B 235 -23.16 -0.85 19.87
CA ASP B 235 -23.14 -2.17 20.48
C ASP B 235 -21.76 -2.47 21.06
N GLY B 236 -20.95 -1.43 21.15
CA GLY B 236 -19.58 -1.52 21.65
C GLY B 236 -18.57 -1.63 20.52
N LEU B 237 -19.07 -1.86 19.31
CA LEU B 237 -18.23 -2.10 18.15
C LEU B 237 -18.69 -1.30 16.95
N PHE B 238 -19.97 -1.43 16.61
CA PHE B 238 -20.55 -0.69 15.52
C PHE B 238 -21.50 0.30 16.11
N SER B 239 -21.73 1.40 15.40
CA SER B 239 -22.63 2.44 15.88
C SER B 239 -23.35 3.06 14.72
N PHE B 240 -24.52 3.62 15.00
CA PHE B 240 -25.32 4.30 14.00
C PHE B 240 -26.24 5.26 14.71
N SER B 241 -26.82 6.19 13.93
CA SER B 241 -27.78 7.11 14.50
C SER B 241 -29.12 6.98 13.79
N VAL B 242 -30.19 7.11 14.56
CA VAL B 242 -31.51 7.20 14.01
C VAL B 242 -31.94 8.66 14.05
N ASN B 243 -32.14 9.23 12.87
CA ASN B 243 -32.46 10.63 12.79
C ASN B 243 -33.86 10.83 12.24
N VAL B 244 -34.67 11.58 13.00
CA VAL B 244 -36.04 11.85 12.62
C VAL B 244 -36.21 13.35 12.45
N ASN B 245 -36.88 13.73 11.36
CA ASN B 245 -37.30 15.12 11.15
C ASN B 245 -38.59 15.15 10.34
N ARG B 246 -39.37 16.21 10.52
CA ARG B 246 -40.67 16.33 9.87
C ARG B 246 -40.52 16.22 8.36
N ALA B 247 -41.31 15.35 7.74
CA ALA B 247 -41.24 15.15 6.29
C ALA B 247 -41.71 16.36 5.48
N THR B 248 -41.13 16.51 4.30
CA THR B 248 -41.53 17.54 3.34
C THR B 248 -41.93 16.86 2.03
N PRO B 249 -42.57 17.60 1.12
CA PRO B 249 -42.89 17.01 -0.19
C PRO B 249 -41.66 16.53 -0.96
N SER B 250 -40.48 16.98 -0.55
CA SER B 250 -39.23 16.63 -1.21
C SER B 250 -38.51 15.43 -0.56
N SER B 251 -39.06 14.94 0.54
CA SER B 251 -38.53 13.77 1.23
C SER B 251 -38.77 12.51 0.40
N THR B 252 -37.75 11.67 0.28
CA THR B 252 -37.84 10.45 -0.54
C THR B 252 -37.19 9.26 0.15
N ASP B 253 -37.65 8.06 -0.18
CA ASP B 253 -36.96 6.83 0.19
C ASP B 253 -35.68 6.77 -0.60
N GLN B 254 -34.56 6.45 0.07
CA GLN B 254 -33.29 6.20 -0.61
C GLN B 254 -32.29 5.49 0.26
N MET B 255 -31.37 4.79 -0.41
CA MET B 255 -30.30 4.04 0.22
C MET B 255 -28.99 4.42 -0.42
N LEU B 256 -28.00 4.74 0.40
CA LEU B 256 -26.65 5.04 -0.06
C LEU B 256 -25.67 4.26 0.80
N ARG B 257 -24.85 3.43 0.17
CA ARG B 257 -23.74 2.80 0.87
C ARG B 257 -22.45 3.12 0.16
N THR B 258 -21.51 3.69 0.89
CA THR B 258 -20.22 4.05 0.31
C THR B 258 -19.21 2.97 0.72
N GLY B 259 -18.80 3.03 1.98
CA GLY B 259 -17.83 2.09 2.50
C GLY B 259 -18.47 1.54 3.74
N ARG B 260 -18.07 2.08 4.89
CA ARG B 260 -18.70 1.70 6.14
C ARG B 260 -19.79 2.68 6.54
N ARG B 261 -20.11 3.62 5.65
CA ARG B 261 -21.25 4.50 5.90
C ARG B 261 -22.46 4.11 5.03
N THR B 262 -23.53 3.72 5.72
CA THR B 262 -24.80 3.48 5.07
C THR B 262 -25.69 4.62 5.46
N VAL B 263 -26.28 5.28 4.47
CA VAL B 263 -27.30 6.28 4.75
C VAL B 263 -28.61 5.77 4.19
N SER B 264 -29.54 5.43 5.08
CA SER B 264 -30.83 4.92 4.67
C SER B 264 -31.94 5.88 5.08
N THR B 265 -32.60 6.48 4.10
CA THR B 265 -33.75 7.34 4.37
C THR B 265 -35.04 6.65 3.99
N SER B 266 -35.99 6.64 4.91
CA SER B 266 -37.33 6.21 4.60
C SER B 266 -38.35 7.20 5.14
N VAL B 267 -39.40 7.42 4.36
CA VAL B 267 -40.47 8.34 4.74
C VAL B 267 -41.69 7.54 5.12
N ARG B 268 -42.08 7.64 6.39
CA ARG B 268 -43.25 6.95 6.88
C ARG B 268 -44.09 7.90 7.69
N ASP B 269 -45.34 8.08 7.26
CA ASP B 269 -46.25 9.05 7.86
C ASP B 269 -45.78 10.47 7.51
N ASN B 270 -45.58 11.30 8.53
CA ASN B 270 -45.14 12.66 8.27
C ASN B 270 -43.69 12.82 8.64
N ALA B 271 -42.99 11.70 8.76
CA ALA B 271 -41.62 11.72 9.25
C ALA B 271 -40.59 11.29 8.19
N GLU B 272 -39.43 11.94 8.25
CA GLU B 272 -38.27 11.57 7.46
C GLU B 272 -37.29 10.87 8.38
N ILE B 273 -37.13 9.56 8.18
CA ILE B 273 -36.26 8.73 9.02
C ILE B 273 -35.01 8.43 8.25
N THR B 274 -33.88 8.84 8.81
CA THR B 274 -32.61 8.59 8.18
C THR B 274 -31.63 7.89 9.13
N ILE B 275 -31.18 6.70 8.75
CA ILE B 275 -30.23 5.91 9.55
C ILE B 275 -28.82 6.07 8.98
N VAL B 276 -27.87 6.43 9.84
CA VAL B 276 -26.51 6.70 9.39
C VAL B 276 -25.55 5.93 10.27
N GLY B 277 -24.74 5.07 9.65
CA GLY B 277 -23.81 4.26 10.43
C GLY B 277 -23.30 3.02 9.73
N GLU B 278 -22.54 2.23 10.48
CA GLU B 278 -21.90 1.00 10.00
C GLU B 278 -22.90 -0.15 10.04
N LEU B 279 -23.76 -0.25 9.05
CA LEU B 279 -24.78 -1.30 9.05
C LEU B 279 -25.08 -1.76 7.66
N PRO B 280 -25.24 -3.08 7.46
CA PRO B 280 -25.75 -3.49 6.18
C PRO B 280 -27.05 -2.75 5.89
N PRO B 281 -27.21 -2.26 4.65
CA PRO B 281 -28.45 -1.63 4.17
C PRO B 281 -29.73 -2.33 4.68
N GLN B 282 -29.85 -3.64 4.46
CA GLN B 282 -30.98 -4.41 4.95
C GLN B 282 -31.28 -4.07 6.42
N THR B 283 -30.27 -4.10 7.28
CA THR B 283 -30.48 -3.87 8.71
C THR B 283 -30.94 -2.45 9.00
N ALA B 284 -30.30 -1.49 8.35
CA ALA B 284 -30.66 -0.08 8.52
C ALA B 284 -32.15 0.11 8.22
N LYS B 285 -32.59 -0.48 7.11
CA LYS B 285 -33.95 -0.33 6.62
C LYS B 285 -34.92 -0.95 7.62
N ARG B 286 -34.58 -2.16 8.08
CA ARG B 286 -35.38 -2.89 9.04
C ARG B 286 -35.58 -2.06 10.31
N ILE B 287 -34.56 -1.30 10.71
CA ILE B 287 -34.67 -0.43 11.87
C ILE B 287 -35.60 0.73 11.53
N ALA B 288 -35.28 1.42 10.44
CA ALA B 288 -36.09 2.54 9.99
C ALA B 288 -37.56 2.19 9.98
N GLU B 289 -37.89 1.01 9.42
CA GLU B 289 -39.30 0.65 9.29
C GLU B 289 -39.82 -0.13 10.48
N ASN B 290 -39.32 0.19 11.66
CA ASN B 290 -39.82 -0.39 12.89
C ASN B 290 -39.92 0.62 14.02
N ILE B 291 -39.75 1.90 13.68
CA ILE B 291 -39.94 2.97 14.63
C ILE B 291 -41.43 3.13 14.92
N LYS B 292 -41.76 3.17 16.20
CA LYS B 292 -43.12 3.42 16.64
C LYS B 292 -43.19 4.91 17.01
N PHE B 293 -44.26 5.59 16.61
CA PHE B 293 -44.45 6.99 16.95
C PHE B 293 -45.45 7.18 18.09
N GLY B 294 -45.87 8.42 18.31
CA GLY B 294 -46.91 8.75 19.30
C GLY B 294 -46.55 8.35 20.72
O3 NDS C . 1.83 3.17 -25.68
S1 NDS C . 0.96 2.59 -24.64
O1 NDS C . 1.21 1.14 -24.64
O2 NDS C . 1.33 3.19 -23.35
C4 NDS C . -0.64 2.94 -24.91
C3 NDS C . -1.54 1.80 -24.42
C2 NDS C . -3.01 2.05 -24.75
N1 NDS C . -3.64 1.17 -25.78
C1 NDS C . -2.71 0.32 -26.56
C7 NDS C . -4.56 0.26 -25.05
C5 NDS C . -4.45 2.02 -26.70
C6 NDS C . -3.68 2.94 -27.63
O3 NDS D . -25.96 -7.05 3.71
S1 NDS D . -24.66 -6.74 3.12
O1 NDS D . -24.65 -5.32 2.76
O2 NDS D . -23.64 -7.02 4.14
C4 NDS D . -24.42 -7.71 1.79
C3 NDS D . -24.31 -6.87 0.53
C2 NDS D . -25.68 -6.48 -0.05
N1 NDS D . -25.66 -5.78 -1.37
C1 NDS D . -26.70 -4.73 -1.31
C7 NDS D . -24.40 -5.06 -1.71
C5 NDS D . -25.96 -6.72 -2.48
C6 NDS D . -26.30 -8.15 -2.05
#